data_4ZVD
#
_entry.id   4ZVD
#
_cell.length_a   41.930
_cell.length_b   51.260
_cell.length_c   92.650
_cell.angle_alpha   90.00
_cell.angle_beta   90.00
_cell.angle_gamma   90.00
#
_symmetry.space_group_name_H-M   'P 21 21 21'
#
loop_
_entity.id
_entity.type
_entity.pdbx_description
1 polymer 'Diguanylate cyclase DosC'
2 water water
#
_entity_poly.entity_id   1
_entity_poly.type   'polypeptide(L)'
_entity_poly.pdbx_seq_one_letter_code
;SLLENAEEEKERQIASILSWEIDIIYKILLDSDLGSSLPLSQADFGLWFNHKGRHYFSGIAEVGHISRLIQDFDGIFNQT
MRNTRNLNNRSLRVKFLLQIRNTVSQIITLLRELFEEVSRHEVGMD
;
_entity_poly.pdbx_strand_id   A,B
#
# COMPACT_ATOMS: atom_id res chain seq x y z
N ALA A 6 11.41 7.98 16.97
CA ALA A 6 10.99 9.25 16.38
C ALA A 6 10.77 9.12 14.89
N GLU A 7 11.86 9.05 14.12
CA GLU A 7 11.74 8.81 12.69
C GLU A 7 11.28 7.38 12.45
N GLU A 8 11.69 6.47 13.35
CA GLU A 8 11.25 5.09 13.29
C GLU A 8 9.74 5.00 13.41
N GLU A 9 9.18 5.75 14.36
CA GLU A 9 7.73 5.71 14.59
C GLU A 9 6.98 6.26 13.38
N LYS A 10 7.53 7.29 12.75
CA LYS A 10 6.93 7.89 11.56
C LYS A 10 6.79 6.89 10.42
N GLU A 11 7.87 6.20 10.08
CA GLU A 11 7.83 5.25 8.99
C GLU A 11 6.92 4.08 9.32
N ARG A 12 6.89 3.71 10.58
CA ARG A 12 6.03 2.62 11.03
C ARG A 12 4.56 2.94 10.80
N GLN A 13 4.16 4.17 11.11
CA GLN A 13 2.77 4.57 10.91
C GLN A 13 2.43 4.72 9.43
N ILE A 14 3.38 5.20 8.65
CA ILE A 14 3.15 5.34 7.22
C ILE A 14 2.95 3.97 6.57
N ALA A 15 3.79 3.01 6.92
CA ALA A 15 3.65 1.63 6.44
C ALA A 15 2.33 1.02 6.92
N SER A 16 1.93 1.39 8.12
CA SER A 16 0.70 0.89 8.73
C SER A 16 -0.56 1.30 7.95
N ILE A 17 -0.67 2.57 7.63
CA ILE A 17 -1.86 3.04 6.94
C ILE A 17 -1.84 2.53 5.50
N LEU A 18 -0.65 2.39 4.93
CA LEU A 18 -0.53 1.84 3.58
C LEU A 18 -0.96 0.37 3.55
N SER A 19 -0.61 -0.37 4.59
CA SER A 19 -0.97 -1.78 4.69
CA SER A 19 -0.97 -1.78 4.69
C SER A 19 -2.49 -1.93 4.81
N TRP A 20 -3.11 -1.03 5.57
CA TRP A 20 -4.55 -1.07 5.75
C TRP A 20 -5.28 -0.79 4.44
N GLU A 21 -4.80 0.21 3.70
CA GLU A 21 -5.38 0.56 2.41
C GLU A 21 -5.33 -0.57 1.39
N ILE A 22 -4.17 -1.20 1.26
CA ILE A 22 -3.98 -2.30 0.32
C ILE A 22 -4.87 -3.49 0.67
N ASP A 23 -4.97 -3.79 1.96
CA ASP A 23 -5.85 -4.84 2.43
C ASP A 23 -7.28 -4.57 1.97
N ILE A 24 -7.77 -3.36 2.19
CA ILE A 24 -9.14 -3.03 1.79
C ILE A 24 -9.29 -3.00 0.27
N ILE A 25 -8.29 -2.48 -0.44
CA ILE A 25 -8.33 -2.47 -1.90
C ILE A 25 -8.48 -3.88 -2.49
N TYR A 26 -7.71 -4.84 -1.99
CA TYR A 26 -7.78 -6.19 -2.52
C TYR A 26 -9.09 -6.87 -2.14
N LYS A 27 -9.62 -6.55 -0.97
CA LYS A 27 -10.94 -7.05 -0.60
C LYS A 27 -11.99 -6.60 -1.61
N ILE A 28 -11.91 -5.33 -2.00
CA ILE A 28 -12.86 -4.76 -2.97
C ILE A 28 -12.65 -5.32 -4.37
N LEU A 29 -11.41 -5.34 -4.83
CA LEU A 29 -11.10 -5.82 -6.18
C LEU A 29 -11.40 -7.31 -6.34
N LEU A 30 -11.02 -8.09 -5.34
CA LEU A 30 -11.16 -9.55 -5.41
C LEU A 30 -12.58 -10.00 -5.08
N ASP A 31 -13.16 -9.40 -4.04
CA ASP A 31 -14.44 -9.89 -3.51
C ASP A 31 -15.62 -8.95 -3.71
N SER A 32 -15.38 -7.73 -4.20
CA SER A 32 -16.45 -6.76 -4.40
C SER A 32 -17.21 -6.51 -3.10
N ASP A 33 -16.49 -6.58 -1.97
CA ASP A 33 -17.10 -6.35 -0.68
C ASP A 33 -16.09 -5.90 0.37
N LEU A 34 -16.57 -5.19 1.40
CA LEU A 34 -15.74 -4.77 2.54
C LEU A 34 -15.45 -5.94 3.46
N GLY A 35 -16.51 -6.66 3.83
CA GLY A 35 -16.42 -7.83 4.67
C GLY A 35 -15.88 -7.55 6.07
N SER A 36 -14.70 -8.08 6.36
CA SER A 36 -14.11 -7.94 7.69
C SER A 36 -13.28 -6.67 7.84
N SER A 37 -13.34 -5.79 6.84
CA SER A 37 -12.54 -4.57 6.87
C SER A 37 -13.02 -3.61 7.95
N LEU A 38 -12.09 -2.87 8.53
CA LEU A 38 -12.41 -1.88 9.55
C LEU A 38 -12.22 -0.48 8.99
N PRO A 39 -13.04 0.47 9.47
CA PRO A 39 -12.82 1.88 9.13
C PRO A 39 -11.50 2.34 9.70
N LEU A 40 -10.93 3.39 9.13
CA LEU A 40 -9.59 3.84 9.49
C LEU A 40 -9.50 4.13 11.00
N SER A 41 -10.58 4.66 11.57
CA SER A 41 -10.60 4.97 13.00
C SER A 41 -10.41 3.73 13.86
N GLN A 42 -10.75 2.57 13.32
CA GLN A 42 -10.67 1.33 14.08
C GLN A 42 -9.48 0.49 13.65
N ALA A 43 -8.76 0.97 12.64
CA ALA A 43 -7.56 0.30 12.18
C ALA A 43 -6.37 0.66 13.05
N ASP A 44 -5.26 0.01 12.78
CA ASP A 44 -4.03 0.19 13.53
C ASP A 44 -3.63 1.66 13.61
N PHE A 45 -3.65 2.33 12.45
CA PHE A 45 -3.23 3.73 12.40
C PHE A 45 -4.20 4.63 13.14
N GLY A 46 -5.49 4.44 12.92
CA GLY A 46 -6.51 5.28 13.54
C GLY A 46 -6.47 5.22 15.05
N LEU A 47 -6.23 4.02 15.58
CA LEU A 47 -6.13 3.85 17.02
C LEU A 47 -4.85 4.52 17.54
N TRP A 48 -3.76 4.40 16.80
CA TRP A 48 -2.51 5.04 17.22
C TRP A 48 -2.68 6.55 17.21
N PHE A 49 -3.33 7.07 16.18
CA PHE A 49 -3.47 8.51 16.04
C PHE A 49 -4.32 9.10 17.16
N ASN A 50 -5.50 8.51 17.38
CA ASN A 50 -6.40 9.02 18.41
C ASN A 50 -5.89 8.81 19.83
N HIS A 51 -5.25 7.67 20.07
CA HIS A 51 -4.83 7.32 21.43
C HIS A 51 -3.45 7.86 21.78
N LYS A 52 -2.56 7.95 20.79
CA LYS A 52 -1.18 8.37 21.05
C LYS A 52 -0.77 9.59 20.22
N GLY A 53 -1.15 9.58 18.94
CA GLY A 53 -0.74 10.61 18.00
C GLY A 53 -1.17 12.02 18.39
N ARG A 54 -2.46 12.19 18.70
CA ARG A 54 -3.00 13.49 19.07
C ARG A 54 -2.26 14.12 20.25
N HIS A 55 -1.91 13.33 21.25
CA HIS A 55 -1.28 13.87 22.45
C HIS A 55 0.16 14.27 22.19
N TYR A 56 0.87 13.46 21.41
CA TYR A 56 2.24 13.78 21.04
C TYR A 56 2.30 15.00 20.14
N PHE A 57 1.27 15.19 19.33
CA PHE A 57 1.25 16.31 18.38
C PHE A 57 0.33 17.41 18.87
N SER A 58 0.11 17.46 20.19
CA SER A 58 -0.79 18.44 20.78
C SER A 58 -0.41 19.86 20.39
N GLY A 59 -1.40 20.64 20.03
CA GLY A 59 -1.21 22.05 19.69
C GLY A 59 -0.66 22.30 18.30
N ILE A 60 -0.57 21.27 17.47
CA ILE A 60 -0.14 21.46 16.09
C ILE A 60 -1.35 21.37 15.17
N ALA A 61 -1.47 22.35 14.27
CA ALA A 61 -2.67 22.55 13.48
C ALA A 61 -3.05 21.38 12.56
N GLU A 62 -2.06 20.69 12.00
CA GLU A 62 -2.33 19.62 11.05
C GLU A 62 -3.08 18.46 11.70
N VAL A 63 -3.00 18.35 13.02
CA VAL A 63 -3.69 17.28 13.75
C VAL A 63 -5.20 17.33 13.50
N GLY A 64 -5.78 18.52 13.59
CA GLY A 64 -7.19 18.68 13.35
C GLY A 64 -7.57 18.31 11.92
N HIS A 65 -6.65 18.51 10.99
CA HIS A 65 -6.90 18.19 9.59
C HIS A 65 -6.95 16.66 9.38
N ILE A 66 -6.01 15.94 10.01
CA ILE A 66 -6.02 14.48 9.92
C ILE A 66 -7.29 13.90 10.56
N SER A 67 -7.67 14.43 11.73
CA SER A 67 -8.87 13.96 12.41
C SER A 67 -10.11 14.07 11.55
N ARG A 68 -10.21 15.19 10.82
CA ARG A 68 -11.30 15.45 9.89
C ARG A 68 -11.32 14.44 8.74
N LEU A 69 -10.15 14.17 8.18
CA LEU A 69 -10.03 13.21 7.08
C LEU A 69 -10.45 11.81 7.52
N ILE A 70 -10.05 11.42 8.71
CA ILE A 70 -10.41 10.11 9.26
C ILE A 70 -11.92 10.06 9.48
N GLN A 71 -12.43 11.13 10.08
CA GLN A 71 -13.84 11.24 10.37
C GLN A 71 -14.69 11.21 9.10
N ASP A 72 -14.26 11.96 8.09
CA ASP A 72 -14.96 11.98 6.80
C ASP A 72 -14.98 10.61 6.13
N PHE A 73 -13.88 9.87 6.22
CA PHE A 73 -13.82 8.55 5.60
C PHE A 73 -14.67 7.53 6.38
N ASP A 74 -14.72 7.68 7.70
CA ASP A 74 -15.59 6.85 8.52
C ASP A 74 -17.03 6.89 8.00
N GLY A 75 -17.48 8.08 7.65
CA GLY A 75 -18.81 8.26 7.10
C GLY A 75 -18.98 7.59 5.75
N ILE A 76 -18.00 7.77 4.87
CA ILE A 76 -18.05 7.12 3.57
C ILE A 76 -18.03 5.60 3.74
N PHE A 77 -17.22 5.13 4.68
CA PHE A 77 -17.08 3.70 4.96
C PHE A 77 -18.36 3.07 5.47
N ASN A 78 -19.00 3.75 6.42
CA ASN A 78 -20.22 3.24 7.03
C ASN A 78 -21.37 3.19 6.02
N GLN A 79 -21.45 4.19 5.17
CA GLN A 79 -22.48 4.25 4.14
C GLN A 79 -22.40 3.05 3.20
N THR A 80 -21.17 2.71 2.79
CA THR A 80 -20.96 1.55 1.92
C THR A 80 -21.25 0.26 2.69
N MET A 81 -20.93 0.26 3.98
CA MET A 81 -21.17 -0.90 4.83
C MET A 81 -22.68 -1.18 4.90
N ARG A 82 -23.46 -0.11 4.78
CA ARG A 82 -24.91 -0.20 4.73
C ARG A 82 -25.41 -0.54 3.34
N ASN A 83 -24.49 -0.86 2.43
CA ASN A 83 -24.87 -1.13 1.04
C ASN A 83 -23.78 -1.84 0.22
N THR A 84 -23.53 -3.11 0.48
CA THR A 84 -22.54 -3.87 -0.32
C THR A 84 -23.08 -4.23 -1.70
N ARG A 85 -24.33 -3.87 -1.95
CA ARG A 85 -24.91 -3.98 -3.29
C ARG A 85 -24.16 -3.05 -4.24
N ASN A 86 -23.56 -2.01 -3.66
CA ASN A 86 -22.86 -1.00 -4.44
C ASN A 86 -21.51 -1.47 -4.96
N LEU A 87 -20.79 -2.26 -4.15
CA LEU A 87 -19.43 -2.66 -4.50
C LEU A 87 -19.36 -3.68 -5.63
N ASN A 88 -20.50 -4.28 -5.99
CA ASN A 88 -20.56 -5.12 -7.17
C ASN A 88 -20.65 -4.26 -8.43
N ASN A 89 -21.26 -3.09 -8.27
CA ASN A 89 -21.36 -2.11 -9.34
C ASN A 89 -20.03 -1.38 -9.58
N ARG A 90 -19.54 -1.42 -10.82
CA ARG A 90 -18.21 -0.88 -11.12
C ARG A 90 -18.06 0.59 -10.76
N SER A 91 -19.02 1.41 -11.17
CA SER A 91 -18.95 2.84 -10.92
C SER A 91 -18.90 3.15 -9.42
N LEU A 92 -19.69 2.45 -8.62
CA LEU A 92 -19.70 2.68 -7.19
C LEU A 92 -18.43 2.12 -6.55
N ARG A 93 -17.91 1.06 -7.15
CA ARG A 93 -16.65 0.47 -6.72
C ARG A 93 -15.50 1.46 -6.94
N VAL A 94 -15.41 2.00 -8.15
CA VAL A 94 -14.35 2.93 -8.49
C VAL A 94 -14.42 4.19 -7.62
N LYS A 95 -15.63 4.70 -7.43
CA LYS A 95 -15.87 5.85 -6.56
C LYS A 95 -15.26 5.65 -5.19
N PHE A 96 -15.51 4.49 -4.59
CA PHE A 96 -15.01 4.21 -3.25
C PHE A 96 -13.49 4.11 -3.26
N LEU A 97 -12.98 3.42 -4.29
CA LEU A 97 -11.55 3.22 -4.42
C LEU A 97 -10.82 4.55 -4.59
N LEU A 98 -11.45 5.48 -5.29
CA LEU A 98 -10.85 6.80 -5.45
C LEU A 98 -10.85 7.57 -4.14
N GLN A 99 -11.92 7.39 -3.37
CA GLN A 99 -12.05 8.04 -2.07
C GLN A 99 -11.00 7.60 -1.05
N ILE A 100 -10.72 6.30 -1.00
CA ILE A 100 -9.74 5.81 -0.05
C ILE A 100 -8.34 6.31 -0.41
N ARG A 101 -7.99 6.29 -1.69
CA ARG A 101 -6.64 6.69 -2.10
C ARG A 101 -6.41 8.16 -1.75
N ASN A 102 -7.41 9.00 -2.01
CA ASN A 102 -7.31 10.42 -1.74
C ASN A 102 -7.19 10.72 -0.24
N THR A 103 -7.93 9.97 0.58
CA THR A 103 -7.86 10.12 2.03
C THR A 103 -6.47 9.75 2.57
N VAL A 104 -5.95 8.61 2.15
CA VAL A 104 -4.68 8.11 2.66
C VAL A 104 -3.52 9.00 2.22
N SER A 105 -3.58 9.45 0.97
CA SER A 105 -2.56 10.32 0.42
C SER A 105 -2.40 11.59 1.25
N GLN A 106 -3.51 12.28 1.49
CA GLN A 106 -3.47 13.51 2.27
C GLN A 106 -2.96 13.29 3.69
N ILE A 107 -3.40 12.21 4.32
CA ILE A 107 -3.01 11.91 5.69
C ILE A 107 -1.51 11.67 5.83
N ILE A 108 -0.95 10.92 4.89
CA ILE A 108 0.48 10.63 4.93
C ILE A 108 1.30 11.91 4.86
N THR A 109 0.95 12.80 3.93
CA THR A 109 1.66 14.06 3.78
C THR A 109 1.57 14.92 5.04
N LEU A 110 0.37 15.00 5.63
CA LEU A 110 0.19 15.76 6.87
C LEU A 110 0.91 15.09 8.02
N LEU A 111 0.86 13.76 8.05
CA LEU A 111 1.57 13.01 9.06
C LEU A 111 3.07 13.26 8.97
N ARG A 112 3.57 13.33 7.74
CA ARG A 112 4.99 13.65 7.55
C ARG A 112 5.23 15.01 8.18
N GLU A 113 4.38 15.98 7.84
CA GLU A 113 4.50 17.34 8.34
C GLU A 113 4.51 17.42 9.87
N LEU A 114 3.64 16.63 10.52
CA LEU A 114 3.56 16.60 11.97
C LEU A 114 4.86 16.13 12.61
N PHE A 115 5.46 15.10 12.03
CA PHE A 115 6.66 14.51 12.61
C PHE A 115 7.85 15.46 12.46
N GLU A 116 7.89 16.19 11.35
CA GLU A 116 8.99 17.10 11.12
C GLU A 116 8.87 18.31 12.05
N GLU A 117 7.64 18.78 12.25
CA GLU A 117 7.37 19.97 13.08
C GLU A 117 7.81 19.80 14.53
N VAL A 118 7.72 18.57 15.05
CA VAL A 118 8.21 18.30 16.39
C VAL A 118 9.24 17.17 16.37
N ALA B 6 17.56 0.79 11.72
CA ALA B 6 17.42 -0.66 11.71
C ALA B 6 15.95 -1.04 11.54
N GLU B 7 15.16 -0.89 12.60
CA GLU B 7 13.73 -1.11 12.50
C GLU B 7 13.13 0.00 11.65
N GLU B 8 13.73 1.19 11.75
CA GLU B 8 13.31 2.34 10.96
C GLU B 8 13.45 2.08 9.46
N GLU B 9 14.59 1.53 9.08
CA GLU B 9 14.87 1.27 7.66
C GLU B 9 13.92 0.20 7.14
N LYS B 10 13.61 -0.78 7.98
CA LYS B 10 12.69 -1.85 7.62
C LYS B 10 11.35 -1.26 7.22
N GLU B 11 10.82 -0.38 8.07
CA GLU B 11 9.53 0.22 7.83
C GLU B 11 9.53 1.14 6.61
N ARG B 12 10.61 1.87 6.39
CA ARG B 12 10.73 2.78 5.25
C ARG B 12 10.69 2.04 3.91
N GLN B 13 11.41 0.93 3.80
CA GLN B 13 11.41 0.16 2.56
C GLN B 13 10.08 -0.52 2.33
N ILE B 14 9.44 -0.95 3.41
CA ILE B 14 8.12 -1.55 3.30
C ILE B 14 7.16 -0.50 2.75
N ALA B 15 7.23 0.71 3.29
CA ALA B 15 6.37 1.80 2.82
C ALA B 15 6.64 2.11 1.35
N SER B 16 7.89 1.97 0.94
CA SER B 16 8.30 2.22 -0.43
C SER B 16 7.68 1.21 -1.41
N ILE B 17 7.77 -0.08 -1.10
CA ILE B 17 7.23 -1.08 -2.02
C ILE B 17 5.71 -1.06 -2.01
N LEU B 18 5.11 -0.73 -0.87
CA LEU B 18 3.67 -0.63 -0.77
C LEU B 18 3.16 0.53 -1.62
N SER B 19 3.91 1.61 -1.64
CA SER B 19 3.57 2.78 -2.45
C SER B 19 3.54 2.43 -3.93
N TRP B 20 4.54 1.66 -4.37
CA TRP B 20 4.62 1.22 -5.76
C TRP B 20 3.45 0.30 -6.10
N GLU B 21 3.12 -0.60 -5.18
CA GLU B 21 2.04 -1.55 -5.38
C GLU B 21 0.70 -0.83 -5.58
N ILE B 22 0.44 0.16 -4.75
CA ILE B 22 -0.81 0.92 -4.83
C ILE B 22 -0.93 1.65 -6.17
N ASP B 23 0.16 2.27 -6.59
CA ASP B 23 0.18 2.99 -7.86
C ASP B 23 -0.16 2.10 -9.06
N ILE B 24 0.51 0.98 -9.18
CA ILE B 24 0.27 0.10 -10.32
C ILE B 24 -1.13 -0.49 -10.27
N ILE B 25 -1.61 -0.84 -9.08
CA ILE B 25 -2.97 -1.34 -8.92
C ILE B 25 -3.99 -0.34 -9.45
N TYR B 26 -3.82 0.94 -9.11
CA TYR B 26 -4.78 1.95 -9.57
C TYR B 26 -4.66 2.20 -11.07
N LYS B 27 -3.46 2.10 -11.59
CA LYS B 27 -3.25 2.20 -13.04
C LYS B 27 -4.04 1.11 -13.76
N ILE B 28 -3.97 -0.11 -13.21
CA ILE B 28 -4.68 -1.26 -13.77
C ILE B 28 -6.19 -1.09 -13.65
N LEU B 29 -6.64 -0.72 -12.47
CA LEU B 29 -8.06 -0.60 -12.19
C LEU B 29 -8.73 0.50 -13.01
N LEU B 30 -8.08 1.65 -13.12
CA LEU B 30 -8.65 2.81 -13.82
C LEU B 30 -8.49 2.76 -15.34
N ASP B 31 -7.32 2.36 -15.82
CA ASP B 31 -7.01 2.50 -17.24
C ASP B 31 -6.97 1.18 -18.00
N SER B 32 -7.09 0.07 -17.27
CA SER B 32 -7.08 -1.28 -17.84
C SER B 32 -5.85 -1.55 -18.70
N ASP B 33 -4.75 -0.87 -18.38
CA ASP B 33 -3.50 -1.08 -19.09
C ASP B 33 -2.37 -0.65 -18.15
N LEU B 34 -1.17 -1.17 -18.39
CA LEU B 34 -0.04 -0.79 -17.57
C LEU B 34 0.38 0.64 -17.91
N GLY B 35 0.57 0.92 -19.19
CA GLY B 35 0.89 2.27 -19.63
C GLY B 35 2.22 2.80 -19.11
N SER B 36 2.16 3.78 -18.23
CA SER B 36 3.36 4.43 -17.71
C SER B 36 3.91 3.72 -16.47
N SER B 37 3.37 2.54 -16.17
CA SER B 37 3.80 1.77 -15.02
C SER B 37 5.19 1.16 -15.23
N LEU B 38 5.92 1.01 -14.13
CA LEU B 38 7.24 0.37 -14.13
C LEU B 38 7.22 -0.97 -13.41
N PRO B 39 8.03 -1.93 -13.86
CA PRO B 39 8.17 -3.13 -13.03
C PRO B 39 8.84 -2.77 -11.71
N LEU B 40 8.68 -3.61 -10.68
CA LEU B 40 9.22 -3.32 -9.36
C LEU B 40 10.73 -3.06 -9.39
N SER B 41 11.43 -3.78 -10.25
CA SER B 41 12.88 -3.66 -10.35
C SER B 41 13.33 -2.23 -10.66
N GLN B 42 12.45 -1.46 -11.30
CA GLN B 42 12.82 -0.11 -11.74
C GLN B 42 12.20 0.98 -10.87
N ALA B 43 11.39 0.60 -9.89
CA ALA B 43 10.81 1.55 -8.94
C ALA B 43 11.83 1.85 -7.85
N ASP B 44 11.51 2.79 -6.95
CA ASP B 44 12.45 3.18 -5.90
C ASP B 44 12.98 2.01 -5.09
N PHE B 45 12.09 1.10 -4.69
CA PHE B 45 12.54 -0.05 -3.89
C PHE B 45 13.45 -0.97 -4.69
N GLY B 46 13.07 -1.28 -5.92
CA GLY B 46 13.84 -2.18 -6.75
C GLY B 46 15.24 -1.63 -7.01
N LEU B 47 15.31 -0.33 -7.21
CA LEU B 47 16.59 0.35 -7.40
C LEU B 47 17.40 0.37 -6.11
N TRP B 48 16.72 0.57 -4.98
CA TRP B 48 17.38 0.56 -3.69
C TRP B 48 17.95 -0.82 -3.39
N PHE B 49 17.17 -1.86 -3.66
CA PHE B 49 17.60 -3.21 -3.36
C PHE B 49 18.83 -3.60 -4.18
N ASN B 50 18.78 -3.35 -5.48
CA ASN B 50 19.88 -3.72 -6.34
C ASN B 50 21.15 -2.93 -6.06
N HIS B 51 21.01 -1.64 -5.77
CA HIS B 51 22.17 -0.77 -5.60
C HIS B 51 22.72 -0.75 -4.18
N LYS B 52 21.83 -0.87 -3.19
CA LYS B 52 22.23 -0.74 -1.79
C LYS B 52 21.85 -1.97 -0.97
N GLY B 53 20.63 -2.46 -1.17
CA GLY B 53 20.08 -3.56 -0.38
C GLY B 53 20.84 -4.89 -0.44
N ARG B 54 21.13 -5.35 -1.66
CA ARG B 54 21.85 -6.63 -1.84
C ARG B 54 23.19 -6.65 -1.13
N HIS B 55 23.91 -5.54 -1.23
CA HIS B 55 25.28 -5.45 -0.74
C HIS B 55 25.33 -5.38 0.78
N TYR B 56 24.38 -4.66 1.35
CA TYR B 56 24.27 -4.51 2.79
C TYR B 56 23.91 -5.84 3.43
N PHE B 57 23.13 -6.64 2.72
CA PHE B 57 22.70 -7.96 3.20
C PHE B 57 23.40 -9.10 2.45
N SER B 58 24.58 -8.82 1.91
CA SER B 58 25.30 -9.79 1.08
C SER B 58 25.52 -11.14 1.76
N GLY B 59 25.36 -12.22 0.98
CA GLY B 59 25.63 -13.56 1.46
C GLY B 59 24.55 -14.18 2.33
N ILE B 60 23.41 -13.51 2.44
CA ILE B 60 22.29 -14.03 3.20
C ILE B 60 21.23 -14.55 2.24
N ALA B 61 20.72 -15.75 2.54
CA ALA B 61 19.89 -16.50 1.59
C ALA B 61 18.64 -15.76 1.16
N GLU B 62 18.07 -14.96 2.06
CA GLU B 62 16.82 -14.26 1.76
C GLU B 62 17.01 -13.25 0.63
N VAL B 63 18.24 -12.76 0.47
CA VAL B 63 18.56 -11.82 -0.60
C VAL B 63 18.35 -12.44 -1.98
N GLY B 64 18.85 -13.66 -2.15
CA GLY B 64 18.68 -14.38 -3.40
C GLY B 64 17.22 -14.65 -3.70
N HIS B 65 16.43 -14.82 -2.65
CA HIS B 65 15.01 -15.05 -2.81
C HIS B 65 14.31 -13.76 -3.27
N ILE B 66 14.70 -12.62 -2.69
CA ILE B 66 14.13 -11.34 -3.09
C ILE B 66 14.49 -11.01 -4.54
N SER B 67 15.75 -11.25 -4.91
CA SER B 67 16.19 -11.03 -6.28
C SER B 67 15.38 -11.90 -7.23
N ARG B 68 15.09 -13.12 -6.81
CA ARG B 68 14.29 -14.05 -7.61
C ARG B 68 12.88 -13.53 -7.84
N LEU B 69 12.26 -13.05 -6.77
CA LEU B 69 10.91 -12.52 -6.84
C LEU B 69 10.84 -11.31 -7.76
N ILE B 70 11.82 -10.42 -7.64
CA ILE B 70 11.87 -9.22 -8.45
C ILE B 70 12.07 -9.57 -9.92
N GLN B 71 13.02 -10.47 -10.18
CA GLN B 71 13.31 -10.92 -11.54
C GLN B 71 12.10 -11.59 -12.18
N ASP B 72 11.43 -12.44 -11.41
CA ASP B 72 10.24 -13.14 -11.89
C ASP B 72 9.14 -12.16 -12.29
N PHE B 73 9.01 -11.07 -11.54
CA PHE B 73 7.95 -10.11 -11.83
C PHE B 73 8.25 -9.34 -13.11
N ASP B 74 9.53 -9.10 -13.40
CA ASP B 74 9.94 -8.50 -14.66
C ASP B 74 9.37 -9.27 -15.84
N GLY B 75 9.49 -10.59 -15.78
CA GLY B 75 8.95 -11.47 -16.80
C GLY B 75 7.44 -11.40 -16.85
N ILE B 76 6.81 -11.44 -15.68
CA ILE B 76 5.35 -11.34 -15.57
C ILE B 76 4.88 -10.00 -16.14
N PHE B 77 5.64 -8.96 -15.86
CA PHE B 77 5.31 -7.62 -16.32
C PHE B 77 5.35 -7.55 -17.85
N ASN B 78 6.41 -8.10 -18.44
CA ASN B 78 6.56 -8.06 -19.89
C ASN B 78 5.49 -8.89 -20.60
N GLN B 79 5.18 -10.06 -20.08
CA GLN B 79 4.16 -10.93 -20.66
C GLN B 79 2.80 -10.23 -20.67
N THR B 80 2.47 -9.57 -19.57
CA THR B 80 1.22 -8.83 -19.46
C THR B 80 1.26 -7.61 -20.38
N MET B 81 2.43 -7.01 -20.50
CA MET B 81 2.64 -5.86 -21.38
C MET B 81 2.47 -6.23 -22.84
N ARG B 82 2.83 -7.47 -23.18
CA ARG B 82 2.69 -7.96 -24.54
C ARG B 82 1.28 -8.44 -24.81
N ASN B 83 0.40 -8.17 -23.86
CA ASN B 83 -0.98 -8.62 -23.94
C ASN B 83 -1.87 -7.82 -22.99
N THR B 84 -2.04 -6.54 -23.28
CA THR B 84 -2.90 -5.69 -22.46
C THR B 84 -4.38 -5.94 -22.75
N ARG B 85 -4.64 -6.80 -23.74
CA ARG B 85 -6.00 -7.26 -24.02
C ARG B 85 -6.50 -8.07 -22.83
N ASN B 86 -5.56 -8.63 -22.07
CA ASN B 86 -5.86 -9.47 -20.92
C ASN B 86 -6.41 -8.64 -19.75
N LEU B 87 -5.92 -7.41 -19.62
CA LEU B 87 -6.29 -6.57 -18.48
C LEU B 87 -7.73 -6.10 -18.60
N ASN B 88 -8.32 -6.28 -19.78
CA ASN B 88 -9.74 -6.04 -19.98
C ASN B 88 -10.55 -7.23 -19.47
N ASN B 89 -9.97 -8.42 -19.62
CA ASN B 89 -10.57 -9.65 -19.11
C ASN B 89 -10.42 -9.73 -17.60
N ARG B 90 -11.54 -9.92 -16.90
CA ARG B 90 -11.53 -9.90 -15.45
C ARG B 90 -10.61 -10.95 -14.83
N SER B 91 -10.75 -12.20 -15.27
CA SER B 91 -9.97 -13.30 -14.72
C SER B 91 -8.47 -13.06 -14.91
N LEU B 92 -8.09 -12.56 -16.08
CA LEU B 92 -6.70 -12.29 -16.37
C LEU B 92 -6.23 -11.04 -15.62
N ARG B 93 -7.15 -10.11 -15.37
CA ARG B 93 -6.83 -8.96 -14.54
C ARG B 93 -6.59 -9.41 -13.09
N VAL B 94 -7.51 -10.22 -12.58
CA VAL B 94 -7.39 -10.74 -11.23
C VAL B 94 -6.12 -11.56 -11.07
N LYS B 95 -5.82 -12.39 -12.08
CA LYS B 95 -4.58 -13.15 -12.11
C LYS B 95 -3.36 -12.25 -11.92
N PHE B 96 -3.34 -11.13 -12.63
CA PHE B 96 -2.21 -10.22 -12.55
C PHE B 96 -2.16 -9.54 -11.18
N LEU B 97 -3.33 -9.15 -10.67
CA LEU B 97 -3.38 -8.48 -9.37
C LEU B 97 -2.89 -9.38 -8.25
N LEU B 98 -3.18 -10.68 -8.36
CA LEU B 98 -2.70 -11.65 -7.39
C LEU B 98 -1.19 -11.84 -7.51
N GLN B 99 -0.69 -11.80 -8.74
CA GLN B 99 0.74 -11.91 -8.97
C GLN B 99 1.44 -10.74 -8.28
N ILE B 100 0.83 -9.58 -8.38
CA ILE B 100 1.38 -8.40 -7.73
C ILE B 100 1.34 -8.51 -6.21
N ARG B 101 0.18 -8.91 -5.68
CA ARG B 101 0.04 -8.97 -4.23
C ARG B 101 1.00 -9.99 -3.65
N ASN B 102 1.08 -11.15 -4.29
CA ASN B 102 1.97 -12.22 -3.84
C ASN B 102 3.43 -11.84 -3.95
N THR B 103 3.82 -11.16 -5.03
CA THR B 103 5.20 -10.73 -5.18
C THR B 103 5.56 -9.77 -4.05
N VAL B 104 4.70 -8.79 -3.80
CA VAL B 104 4.99 -7.80 -2.77
C VAL B 104 4.92 -8.38 -1.36
N SER B 105 3.94 -9.22 -1.09
CA SER B 105 3.79 -9.85 0.22
C SER B 105 5.03 -10.66 0.59
N GLN B 106 5.45 -11.51 -0.34
CA GLN B 106 6.62 -12.36 -0.12
C GLN B 106 7.88 -11.54 0.10
N ILE B 107 8.05 -10.49 -0.69
CA ILE B 107 9.24 -9.66 -0.58
C ILE B 107 9.26 -8.97 0.77
N ILE B 108 8.11 -8.47 1.20
CA ILE B 108 8.02 -7.81 2.51
C ILE B 108 8.42 -8.77 3.64
N THR B 109 7.91 -10.00 3.57
CA THR B 109 8.21 -11.02 4.57
C THR B 109 9.71 -11.30 4.65
N LEU B 110 10.34 -11.41 3.48
CA LEU B 110 11.79 -11.62 3.39
C LEU B 110 12.59 -10.40 3.84
N LEU B 111 12.10 -9.21 3.48
CA LEU B 111 12.75 -7.97 3.89
C LEU B 111 12.73 -7.84 5.40
N ARG B 112 11.61 -8.19 6.03
CA ARG B 112 11.54 -8.21 7.48
C ARG B 112 12.56 -9.20 8.03
N GLU B 113 12.60 -10.40 7.46
CA GLU B 113 13.54 -11.43 7.88
C GLU B 113 14.99 -10.92 7.86
N LEU B 114 15.35 -10.17 6.82
CA LEU B 114 16.69 -9.63 6.70
C LEU B 114 17.01 -8.63 7.79
N PHE B 115 16.05 -7.74 8.09
CA PHE B 115 16.27 -6.66 9.05
C PHE B 115 16.27 -7.12 10.51
N GLU B 116 15.48 -8.13 10.85
CA GLU B 116 15.49 -8.66 12.21
C GLU B 116 16.80 -9.39 12.50
N GLU B 117 17.31 -10.10 11.50
CA GLU B 117 18.56 -10.84 11.66
C GLU B 117 19.75 -9.93 11.95
N VAL B 118 19.75 -8.75 11.35
CA VAL B 118 20.78 -7.76 11.63
C VAL B 118 20.17 -6.42 12.04
#